data_1VEO
#
_entry.id   1VEO
#
_cell.length_a   57.199
_cell.length_b   92.181
_cell.length_c   65.673
_cell.angle_alpha   90.00
_cell.angle_beta   102.17
_cell.angle_gamma   90.00
#
_symmetry.space_group_name_H-M   'P 1 21 1'
#
loop_
_entity.id
_entity.type
_entity.pdbx_description
1 polymer Beta-amylase
2 branched alpha-D-glucopyranose-(1-4)-beta-D-glucopyranose
3 branched alpha-D-glucopyranose-(1-4)-alpha-D-glucopyranose
4 non-polymer alpha-D-glucopyranose
5 non-polymer 'CALCIUM ION'
6 water water
#
_entity_poly.entity_id   1
_entity_poly.type   'polypeptide(L)'
_entity_poly.pdbx_seq_one_letter_code
;AVNGKGMNPDYKAYLMAPLKKIPEVTNWETFENDLRWAKQNGFYAITVDFWWGDMEKNGDQQFDFSYAQRFAQSVKNAGM
KMIPIISTHQCGGNVGDDCNVPIPSWVWNQKSDDSLYFKSETGTVNKETLNPLASDVIRKEYGELYTAFAAAMKPYKDVI
AKIFLSGGPAGELRYPSYTTSDGTGYPSRGKFQAYTEFAKSKFRLWVLNKYGSLNEVNKAWGTKLISELAILPPSDGEQF
LMNGYLSMYGKDYLEWYQGILENHTKLIGELAHNAFDTTFQVPIGAKIAGVHWQYNNPTIPHGAEKPAGYNDYSHLLDAF
KSAKLDVTFTCLEMTDKGSYPEYSMPKTLVQNIATLANEKGIVLNGENALSIGNEEEYKRVAEMAFNYNFAGFTLLRYQD
VMYNNSLMGKFKDLLGVTPVMQTIVVKNVPTTIGDTVYITGNRAELGSWDTKQYPIQLYYDSHSNDWRGNVVLPAERNIE
FKAFIKSKDGTVKSWQTIQQSWNPVPLKTTSHTSSW
;
_entity_poly.pdbx_strand_id   A
#
# COMPACT_ATOMS: atom_id res chain seq x y z
N ALA A 1 -17.28 -11.27 -0.06
CA ALA A 1 -15.90 -10.99 -0.53
C ALA A 1 -15.37 -12.18 -1.33
N VAL A 2 -14.11 -12.11 -1.71
CA VAL A 2 -13.48 -13.17 -2.48
C VAL A 2 -13.39 -14.46 -1.66
N ASN A 3 -13.56 -15.60 -2.31
CA ASN A 3 -13.48 -16.90 -1.65
C ASN A 3 -14.59 -17.14 -0.63
N GLY A 4 -15.80 -16.64 -0.91
CA GLY A 4 -16.92 -16.85 0.00
C GLY A 4 -16.81 -16.19 1.37
N LYS A 5 -15.80 -15.35 1.55
CA LYS A 5 -15.59 -14.66 2.82
C LYS A 5 -16.29 -13.30 2.83
N GLY A 6 -16.25 -12.63 3.97
CA GLY A 6 -16.86 -11.32 4.09
C GLY A 6 -15.77 -10.30 4.26
N MET A 7 -16.12 -9.07 4.64
CA MET A 7 -15.13 -8.03 4.83
C MET A 7 -14.25 -8.35 6.03
N ASN A 8 -13.07 -7.74 6.07
CA ASN A 8 -12.13 -7.95 7.15
C ASN A 8 -12.66 -7.33 8.45
N PRO A 9 -12.80 -8.14 9.50
CA PRO A 9 -13.31 -7.65 10.79
C PRO A 9 -12.46 -6.57 11.46
N ASP A 10 -11.20 -6.43 11.03
CA ASP A 10 -10.33 -5.43 11.62
C ASP A 10 -10.27 -4.15 10.81
N TYR A 11 -11.10 -4.06 9.78
CA TYR A 11 -11.10 -2.87 8.95
C TYR A 11 -11.20 -1.57 9.76
N LYS A 12 -10.43 -0.57 9.34
CA LYS A 12 -10.46 0.73 9.97
C LYS A 12 -10.16 1.78 8.92
N ALA A 13 -10.77 2.94 9.07
CA ALA A 13 -10.57 4.03 8.13
C ALA A 13 -9.57 5.02 8.72
N TYR A 14 -8.68 5.52 7.87
CA TYR A 14 -7.66 6.47 8.31
C TYR A 14 -7.73 7.72 7.46
N LEU A 15 -7.29 8.85 8.01
CA LEU A 15 -7.30 10.12 7.29
C LEU A 15 -5.86 10.56 7.13
N MET A 16 -5.46 10.88 5.91
CA MET A 16 -4.10 11.35 5.67
C MET A 16 -4.08 12.85 6.00
N ALA A 17 -3.14 13.25 6.84
CA ALA A 17 -3.00 14.65 7.23
C ALA A 17 -2.45 15.49 6.08
N PRO A 18 -2.38 16.81 6.26
CA PRO A 18 -1.85 17.65 5.16
C PRO A 18 -0.35 17.43 5.04
N LEU A 19 0.23 17.83 3.93
CA LEU A 19 1.67 17.69 3.74
C LEU A 19 2.38 18.76 4.55
N LYS A 20 1.81 19.96 4.61
CA LYS A 20 2.36 21.07 5.39
C LYS A 20 2.05 20.83 6.86
N LYS A 21 2.83 21.47 7.73
CA LYS A 21 2.60 21.32 9.16
C LYS A 21 1.26 21.97 9.50
N ILE A 22 0.58 21.45 10.51
CA ILE A 22 -0.73 21.98 10.90
C ILE A 22 -0.74 23.50 11.09
N PRO A 23 0.26 24.06 11.78
CA PRO A 23 0.31 25.51 12.01
C PRO A 23 0.42 26.33 10.72
N GLU A 24 0.71 25.68 9.60
CA GLU A 24 0.81 26.37 8.31
C GLU A 24 -0.49 26.23 7.54
N VAL A 25 -1.47 25.58 8.18
CA VAL A 25 -2.77 25.33 7.57
C VAL A 25 -3.90 25.95 8.39
N THR A 26 -3.82 25.78 9.71
CA THR A 26 -4.84 26.31 10.61
C THR A 26 -4.21 26.36 12.01
N ASN A 27 -5.04 26.51 13.03
CA ASN A 27 -4.50 26.55 14.38
C ASN A 27 -4.80 25.22 15.06
N TRP A 28 -4.10 24.94 16.15
CA TRP A 28 -4.28 23.68 16.85
C TRP A 28 -5.70 23.41 17.39
N GLU A 29 -6.41 24.45 17.80
CA GLU A 29 -7.77 24.26 18.33
C GLU A 29 -8.72 23.79 17.23
N THR A 30 -8.65 24.42 16.07
CA THR A 30 -9.48 24.05 14.94
C THR A 30 -9.09 22.63 14.52
N PHE A 31 -7.79 22.35 14.55
CA PHE A 31 -7.30 21.04 14.20
C PHE A 31 -7.89 19.99 15.12
N GLU A 32 -7.86 20.25 16.42
CA GLU A 32 -8.41 19.30 17.38
C GLU A 32 -9.89 19.09 17.13
N ASN A 33 -10.57 20.14 16.70
CA ASN A 33 -12.00 20.05 16.41
C ASN A 33 -12.21 19.25 15.12
N ASP A 34 -11.30 19.45 14.15
CA ASP A 34 -11.39 18.72 12.89
C ASP A 34 -11.23 17.22 13.16
N LEU A 35 -10.39 16.87 14.12
CA LEU A 35 -10.19 15.46 14.45
C LEU A 35 -11.43 14.87 15.15
N ARG A 36 -12.06 15.64 16.03
CA ARG A 36 -13.26 15.17 16.72
C ARG A 36 -14.34 14.92 15.67
N TRP A 37 -14.39 15.79 14.68
CA TRP A 37 -15.33 15.69 13.57
C TRP A 37 -15.01 14.46 12.71
N ALA A 38 -13.74 14.26 12.42
CA ALA A 38 -13.31 13.12 11.62
C ALA A 38 -13.69 11.83 12.34
N LYS A 39 -13.42 11.80 13.64
CA LYS A 39 -13.75 10.62 14.43
C LYS A 39 -15.24 10.33 14.33
N GLN A 40 -16.06 11.38 14.35
CA GLN A 40 -17.51 11.22 14.25
C GLN A 40 -17.92 10.61 12.92
N ASN A 41 -17.06 10.73 11.91
CA ASN A 41 -17.38 10.19 10.61
C ASN A 41 -16.76 8.84 10.28
N GLY A 42 -16.23 8.17 11.28
CA GLY A 42 -15.65 6.85 11.06
C GLY A 42 -14.14 6.72 10.94
N PHE A 43 -13.41 7.81 11.10
CA PHE A 43 -11.96 7.72 11.00
C PHE A 43 -11.40 7.28 12.34
N TYR A 44 -10.51 6.29 12.29
CA TYR A 44 -9.91 5.76 13.50
C TYR A 44 -8.66 6.50 13.91
N ALA A 45 -7.85 6.88 12.93
CA ALA A 45 -6.61 7.59 13.21
C ALA A 45 -6.18 8.48 12.06
N ILE A 46 -5.30 9.43 12.35
CA ILE A 46 -4.79 10.32 11.33
C ILE A 46 -3.34 9.94 11.06
N THR A 47 -3.01 9.66 9.80
CA THR A 47 -1.64 9.30 9.45
C THR A 47 -0.94 10.60 9.05
N VAL A 48 0.29 10.77 9.51
CA VAL A 48 1.01 12.01 9.21
C VAL A 48 2.50 11.79 8.94
N ASP A 49 3.03 12.59 8.02
CA ASP A 49 4.44 12.53 7.67
C ASP A 49 5.26 13.38 8.64
N PHE A 50 6.32 12.81 9.17
CA PHE A 50 7.24 13.56 10.03
C PHE A 50 8.51 13.51 9.18
N TRP A 51 8.81 14.65 8.54
CA TRP A 51 9.95 14.75 7.64
C TRP A 51 11.32 14.69 8.28
N TRP A 52 12.19 13.87 7.69
CA TRP A 52 13.55 13.74 8.17
C TRP A 52 14.20 15.13 8.11
N GLY A 53 13.88 15.85 7.03
CA GLY A 53 14.41 17.18 6.85
C GLY A 53 14.07 18.12 7.99
N ASP A 54 13.05 17.76 8.77
CA ASP A 54 12.65 18.58 9.91
C ASP A 54 13.25 18.07 11.23
N MET A 55 13.30 16.75 11.38
CA MET A 55 13.80 16.15 12.62
C MET A 55 15.30 16.07 12.85
N GLU A 56 16.10 16.28 11.80
CA GLU A 56 17.54 16.22 11.93
C GLU A 56 18.16 17.19 10.93
N LYS A 57 17.59 18.38 10.82
CA LYS A 57 18.06 19.38 9.87
C LYS A 57 19.48 19.90 10.08
N ASN A 58 19.73 20.45 11.27
CA ASN A 58 21.03 21.03 11.59
C ASN A 58 22.24 20.17 11.26
N GLY A 59 22.29 18.97 11.82
CA GLY A 59 23.41 18.10 11.55
C GLY A 59 23.18 16.72 12.14
N ASP A 60 24.13 15.83 11.90
CA ASP A 60 24.02 14.46 12.41
C ASP A 60 23.79 14.46 13.92
N GLN A 61 22.77 13.72 14.34
CA GLN A 61 22.40 13.58 15.74
C GLN A 61 21.82 14.84 16.40
N GLN A 62 21.58 15.88 15.61
CA GLN A 62 20.98 17.11 16.12
C GLN A 62 19.47 17.04 15.83
N PHE A 63 18.75 16.36 16.72
CA PHE A 63 17.32 16.14 16.55
C PHE A 63 16.39 17.23 17.07
N ASP A 64 15.19 17.24 16.50
CA ASP A 64 14.15 18.18 16.87
C ASP A 64 12.83 17.47 16.64
N PHE A 65 12.24 16.95 17.72
CA PHE A 65 10.97 16.24 17.62
C PHE A 65 9.85 17.11 18.20
N SER A 66 10.15 18.39 18.42
CA SER A 66 9.19 19.31 18.99
C SER A 66 7.88 19.37 18.21
N TYR A 67 7.96 19.33 16.88
CA TYR A 67 6.74 19.37 16.10
C TYR A 67 5.95 18.07 16.29
N ALA A 68 6.64 16.94 16.13
CA ALA A 68 5.98 15.64 16.29
C ALA A 68 5.28 15.55 17.64
N GLN A 69 5.93 16.05 18.68
CA GLN A 69 5.38 16.00 20.03
C GLN A 69 4.14 16.90 20.14
N ARG A 70 4.24 18.13 19.64
CA ARG A 70 3.10 19.05 19.70
C ARG A 70 1.92 18.44 18.96
N PHE A 71 2.21 17.82 17.81
CA PHE A 71 1.17 17.18 17.00
C PHE A 71 0.48 16.05 17.76
N ALA A 72 1.27 15.20 18.40
CA ALA A 72 0.72 14.07 19.15
C ALA A 72 -0.12 14.57 20.33
N GLN A 73 0.31 15.68 20.91
CA GLN A 73 -0.39 16.27 22.04
C GLN A 73 -1.82 16.64 21.65
N SER A 74 -1.99 17.25 20.47
CA SER A 74 -3.31 17.63 19.99
C SER A 74 -4.15 16.42 19.61
N VAL A 75 -3.50 15.39 19.06
CA VAL A 75 -4.19 14.17 18.71
C VAL A 75 -4.75 13.59 20.01
N LYS A 76 -3.93 13.60 21.05
CA LYS A 76 -4.37 13.10 22.35
C LYS A 76 -5.56 13.92 22.86
N ASN A 77 -5.46 15.25 22.77
CA ASN A 77 -6.54 16.12 23.23
C ASN A 77 -7.86 15.85 22.52
N ALA A 78 -7.78 15.49 21.24
CA ALA A 78 -8.98 15.21 20.47
C ALA A 78 -9.49 13.80 20.72
N GLY A 79 -8.71 13.01 21.44
CA GLY A 79 -9.12 11.63 21.72
C GLY A 79 -8.99 10.74 20.50
N MET A 80 -8.00 11.01 19.66
CA MET A 80 -7.78 10.23 18.46
C MET A 80 -6.50 9.44 18.54
N LYS A 81 -6.19 8.73 17.45
CA LYS A 81 -4.98 7.95 17.34
C LYS A 81 -4.24 8.49 16.11
N MET A 82 -2.93 8.31 16.08
CA MET A 82 -2.15 8.78 14.95
C MET A 82 -1.24 7.67 14.46
N ILE A 83 -0.88 7.76 13.19
CA ILE A 83 0.00 6.80 12.57
C ILE A 83 1.10 7.64 11.95
N PRO A 84 2.25 7.72 12.63
CA PRO A 84 3.35 8.51 12.10
C PRO A 84 4.06 7.79 10.95
N ILE A 85 4.50 8.57 9.97
CA ILE A 85 5.26 8.03 8.86
C ILE A 85 6.62 8.67 9.04
N ILE A 86 7.66 7.85 9.24
CA ILE A 86 8.99 8.39 9.41
C ILE A 86 9.52 8.58 8.01
N SER A 87 9.12 9.70 7.43
CA SER A 87 9.46 10.05 6.07
C SER A 87 10.90 10.48 5.88
N THR A 88 11.73 9.51 5.49
CA THR A 88 13.13 9.74 5.24
C THR A 88 13.32 10.12 3.77
N HIS A 89 12.25 10.60 3.15
CA HIS A 89 12.31 11.02 1.75
C HIS A 89 11.96 12.50 1.65
N GLN A 90 12.22 13.08 0.48
CA GLN A 90 11.94 14.50 0.24
C GLN A 90 10.47 14.81 -0.01
N CYS A 91 9.99 15.91 0.54
CA CYS A 91 8.61 16.36 0.32
C CYS A 91 8.67 17.40 -0.77
N GLY A 92 7.92 17.20 -1.85
CA GLY A 92 7.94 18.17 -2.94
C GLY A 92 8.59 17.56 -4.16
N GLY A 93 7.99 17.77 -5.32
CA GLY A 93 8.54 17.21 -6.54
C GLY A 93 7.73 16.04 -7.07
N ASN A 94 6.86 15.49 -6.23
CA ASN A 94 6.02 14.38 -6.65
C ASN A 94 4.58 14.85 -6.83
N VAL A 95 3.78 14.02 -7.51
CA VAL A 95 2.37 14.33 -7.77
C VAL A 95 1.62 14.68 -6.49
N GLY A 96 1.00 15.85 -6.47
CA GLY A 96 0.25 16.27 -5.30
C GLY A 96 1.04 16.98 -4.23
N ASP A 97 2.36 16.99 -4.35
CA ASP A 97 3.19 17.66 -3.35
C ASP A 97 2.99 19.17 -3.35
N ASP A 98 2.91 19.71 -2.13
CA ASP A 98 2.72 21.13 -1.91
C ASP A 98 3.48 21.36 -0.59
N CYS A 99 4.80 21.29 -0.71
CA CYS A 99 5.72 21.42 0.41
C CYS A 99 7.11 21.43 -0.19
N ASN A 100 8.10 21.69 0.64
CA ASN A 100 9.48 21.69 0.18
C ASN A 100 10.33 21.28 1.36
N VAL A 101 10.45 19.97 1.56
CA VAL A 101 11.23 19.45 2.68
C VAL A 101 12.23 18.38 2.23
N PRO A 102 13.42 18.81 1.79
CA PRO A 102 14.43 17.84 1.35
C PRO A 102 14.99 17.12 2.58
N ILE A 103 15.71 16.03 2.36
CA ILE A 103 16.30 15.33 3.48
C ILE A 103 17.51 16.17 3.93
N PRO A 104 17.94 16.04 5.19
CA PRO A 104 19.09 16.82 5.68
C PRO A 104 20.21 16.96 4.65
N SER A 105 20.59 18.20 4.36
CA SER A 105 21.64 18.45 3.37
C SER A 105 23.00 17.85 3.72
N TRP A 106 23.25 17.64 5.01
CA TRP A 106 24.54 17.10 5.45
C TRP A 106 24.75 15.62 5.14
N VAL A 107 23.66 14.88 5.01
CA VAL A 107 23.79 13.45 4.74
C VAL A 107 24.61 13.17 3.48
N TRP A 108 24.51 14.04 2.49
CA TRP A 108 25.23 13.84 1.23
C TRP A 108 26.74 13.93 1.36
N ASN A 109 27.23 14.55 2.44
CA ASN A 109 28.66 14.71 2.63
C ASN A 109 29.36 13.52 3.26
N GLN A 110 28.57 12.55 3.73
CA GLN A 110 29.15 11.37 4.36
C GLN A 110 29.78 10.41 3.37
N LYS A 111 29.83 10.80 2.10
CA LYS A 111 30.41 9.95 1.06
C LYS A 111 31.07 10.77 -0.05
N SER A 112 32.19 10.25 -0.56
CA SER A 112 32.92 10.92 -1.62
C SER A 112 32.53 10.33 -2.97
N ASP A 113 32.09 9.09 -2.96
CA ASP A 113 31.68 8.41 -4.18
C ASP A 113 30.27 8.86 -4.56
N ASP A 114 29.60 8.05 -5.38
CA ASP A 114 28.23 8.36 -5.81
C ASP A 114 27.29 7.27 -5.33
N SER A 115 27.65 6.65 -4.20
CA SER A 115 26.86 5.58 -3.62
C SER A 115 25.54 6.01 -2.98
N LEU A 116 25.43 7.29 -2.65
CA LEU A 116 24.23 7.82 -2.00
C LEU A 116 23.01 8.16 -2.84
N TYR A 117 23.19 8.52 -4.10
CA TYR A 117 22.05 8.91 -4.91
C TYR A 117 21.78 8.03 -6.13
N PHE A 118 20.87 8.49 -6.99
CA PHE A 118 20.51 7.76 -8.20
C PHE A 118 20.91 8.50 -9.45
N LYS A 119 21.15 7.73 -10.51
CA LYS A 119 21.53 8.28 -11.81
C LYS A 119 20.80 7.41 -12.83
N SER A 120 20.00 8.03 -13.69
CA SER A 120 19.22 7.29 -14.68
C SER A 120 19.99 6.93 -15.94
N GLU A 121 19.31 6.14 -16.78
CA GLU A 121 19.86 5.70 -18.04
C GLU A 121 20.50 6.85 -18.80
N THR A 122 19.96 8.05 -18.62
CA THR A 122 20.47 9.20 -19.33
C THR A 122 21.22 10.24 -18.49
N GLY A 123 21.65 9.84 -17.30
CA GLY A 123 22.41 10.75 -16.45
C GLY A 123 21.68 11.62 -15.44
N THR A 124 20.37 11.65 -15.49
CA THR A 124 19.61 12.46 -14.54
C THR A 124 19.89 12.01 -13.11
N VAL A 125 20.36 12.93 -12.27
CA VAL A 125 20.66 12.60 -10.88
C VAL A 125 19.42 12.83 -10.01
N ASN A 126 19.24 11.99 -9.02
CA ASN A 126 18.08 12.12 -8.12
C ASN A 126 18.54 12.00 -6.68
N LYS A 127 18.13 12.96 -5.85
CA LYS A 127 18.50 12.96 -4.44
C LYS A 127 17.28 13.07 -3.52
N GLU A 128 16.15 12.52 -3.97
CA GLU A 128 14.92 12.54 -3.19
C GLU A 128 15.02 11.66 -1.97
N THR A 129 15.89 10.65 -2.05
CA THR A 129 16.04 9.72 -0.95
C THR A 129 17.36 8.96 -1.10
N LEU A 130 17.88 8.45 0.01
CA LEU A 130 19.12 7.69 -0.03
C LEU A 130 18.97 6.44 -0.89
N ASN A 131 19.97 6.20 -1.72
CA ASN A 131 19.99 5.04 -2.60
C ASN A 131 20.10 3.81 -1.68
N PRO A 132 19.16 2.85 -1.79
CA PRO A 132 19.23 1.66 -0.93
C PRO A 132 20.51 0.84 -1.05
N LEU A 133 21.33 1.15 -2.05
CA LEU A 133 22.60 0.45 -2.25
C LEU A 133 23.55 0.77 -1.08
N ALA A 134 23.44 1.99 -0.55
CA ALA A 134 24.30 2.42 0.56
C ALA A 134 23.74 1.94 1.91
N SER A 135 23.66 0.62 2.07
CA SER A 135 23.12 0.04 3.28
C SER A 135 23.89 0.40 4.54
N ASP A 136 25.16 0.79 4.36
CA ASP A 136 25.96 1.15 5.52
C ASP A 136 25.53 2.51 6.10
N VAL A 137 25.20 3.45 5.23
CA VAL A 137 24.76 4.77 5.68
C VAL A 137 23.31 4.70 6.17
N ILE A 138 22.50 3.89 5.50
CA ILE A 138 21.10 3.73 5.87
C ILE A 138 20.97 3.07 7.24
N ARG A 139 21.81 2.06 7.50
CA ARG A 139 21.78 1.37 8.78
C ARG A 139 22.08 2.35 9.89
N LYS A 140 23.10 3.18 9.67
CA LYS A 140 23.50 4.18 10.63
C LYS A 140 22.42 5.23 10.85
N GLU A 141 22.17 6.04 9.82
CA GLU A 141 21.18 7.11 9.91
C GLU A 141 19.76 6.71 10.28
N TYR A 142 19.17 5.73 9.60
CA TYR A 142 17.81 5.31 9.94
C TYR A 142 17.83 4.70 11.32
N GLY A 143 18.89 3.94 11.62
CA GLY A 143 19.03 3.32 12.93
C GLY A 143 18.95 4.38 14.02
N GLU A 144 19.75 5.44 13.87
CA GLU A 144 19.78 6.51 14.84
C GLU A 144 18.46 7.29 14.87
N LEU A 145 17.94 7.66 13.70
CA LEU A 145 16.67 8.38 13.63
C LEU A 145 15.54 7.63 14.33
N TYR A 146 15.33 6.36 13.96
CA TYR A 146 14.25 5.58 14.56
C TYR A 146 14.34 5.48 16.07
N THR A 147 15.53 5.22 16.58
CA THR A 147 15.72 5.08 18.02
C THR A 147 15.54 6.42 18.74
N ALA A 148 15.97 7.50 18.10
CA ALA A 148 15.82 8.82 18.70
C ALA A 148 14.33 9.15 18.75
N PHE A 149 13.63 8.84 17.65
CA PHE A 149 12.20 9.09 17.55
C PHE A 149 11.43 8.32 18.61
N ALA A 150 11.80 7.06 18.82
CA ALA A 150 11.13 6.22 19.80
C ALA A 150 11.24 6.86 21.19
N ALA A 151 12.45 7.28 21.56
CA ALA A 151 12.67 7.90 22.85
C ALA A 151 11.79 9.15 23.01
N ALA A 152 11.91 10.07 22.06
CA ALA A 152 11.15 11.32 22.08
C ALA A 152 9.63 11.14 22.04
N MET A 153 9.15 10.06 21.43
CA MET A 153 7.72 9.82 21.34
C MET A 153 7.19 8.79 22.32
N LYS A 154 8.04 8.34 23.24
CA LYS A 154 7.63 7.35 24.23
C LYS A 154 6.40 7.79 25.04
N PRO A 155 6.37 9.07 25.45
CA PRO A 155 5.24 9.60 26.23
C PRO A 155 3.90 9.56 25.50
N TYR A 156 3.95 9.39 24.18
CA TYR A 156 2.72 9.37 23.39
C TYR A 156 2.37 8.00 22.83
N LYS A 157 3.08 6.98 23.27
CA LYS A 157 2.84 5.62 22.78
C LYS A 157 1.37 5.24 22.78
N ASP A 158 0.60 5.82 23.68
CA ASP A 158 -0.82 5.50 23.78
C ASP A 158 -1.68 6.02 22.64
N VAL A 159 -1.19 6.99 21.88
CA VAL A 159 -1.98 7.52 20.76
C VAL A 159 -1.43 7.03 19.41
N ILE A 160 -0.35 6.27 19.46
CA ILE A 160 0.27 5.73 18.26
C ILE A 160 -0.29 4.33 17.98
N ALA A 161 -1.13 4.23 16.97
CA ALA A 161 -1.75 2.96 16.62
C ALA A 161 -0.88 2.14 15.68
N LYS A 162 0.01 2.80 14.97
CA LYS A 162 0.87 2.12 14.02
C LYS A 162 2.00 3.03 13.56
N ILE A 163 3.06 2.45 13.02
CA ILE A 163 4.20 3.23 12.54
C ILE A 163 4.56 2.85 11.11
N PHE A 164 4.63 3.84 10.21
CA PHE A 164 4.98 3.60 8.81
C PHE A 164 6.41 4.02 8.53
N LEU A 165 7.04 3.30 7.61
CA LEU A 165 8.40 3.61 7.23
C LEU A 165 8.42 4.06 5.78
N SER A 166 9.41 4.88 5.43
CA SER A 166 9.55 5.36 4.07
C SER A 166 10.64 4.52 3.40
N GLY A 167 10.25 3.73 2.41
CA GLY A 167 11.23 2.90 1.72
C GLY A 167 11.81 3.49 0.45
N GLY A 168 11.49 4.75 0.18
CA GLY A 168 11.99 5.39 -1.03
C GLY A 168 11.24 6.66 -1.35
N PRO A 169 11.22 7.09 -2.62
CA PRO A 169 10.54 8.30 -3.09
C PRO A 169 9.06 8.29 -2.69
N ALA A 170 8.55 9.45 -2.29
CA ALA A 170 7.15 9.58 -1.91
C ALA A 170 6.78 8.59 -0.82
N GLY A 171 7.78 8.12 -0.08
CA GLY A 171 7.55 7.18 1.00
C GLY A 171 7.17 5.79 0.51
N GLU A 172 7.57 5.48 -0.72
CA GLU A 172 7.25 4.20 -1.34
C GLU A 172 8.52 3.40 -1.64
N LEU A 173 8.46 2.08 -1.44
CA LEU A 173 9.60 1.23 -1.72
C LEU A 173 9.75 1.12 -3.24
N ARG A 174 10.67 1.88 -3.81
CA ARG A 174 10.85 1.86 -5.25
C ARG A 174 12.00 2.75 -5.65
N TYR A 175 12.30 2.74 -6.94
CA TYR A 175 13.34 3.57 -7.51
C TYR A 175 12.59 4.80 -8.01
N PRO A 176 13.29 5.95 -8.17
CA PRO A 176 12.66 7.17 -8.66
C PRO A 176 12.70 7.15 -10.19
N SER A 177 11.98 6.19 -10.77
CA SER A 177 11.97 6.00 -12.22
C SER A 177 11.03 6.89 -13.03
N TYR A 178 10.08 7.55 -12.36
CA TYR A 178 9.16 8.45 -13.05
C TYR A 178 9.19 9.85 -12.44
N THR A 179 9.99 10.73 -13.04
CA THR A 179 10.11 12.10 -12.58
C THR A 179 10.11 13.04 -13.76
N THR A 180 9.70 14.28 -13.52
CA THR A 180 9.63 15.29 -14.57
C THR A 180 11.00 15.54 -15.20
N SER A 181 11.99 15.83 -14.37
CA SER A 181 13.34 16.13 -14.87
C SER A 181 14.01 14.99 -15.63
N ASP A 182 13.54 13.77 -15.46
CA ASP A 182 14.14 12.63 -16.15
C ASP A 182 13.31 12.31 -17.42
N GLY A 183 12.23 13.04 -17.60
CA GLY A 183 11.37 12.84 -18.77
C GLY A 183 10.65 11.51 -18.70
N THR A 184 10.40 11.04 -17.49
CA THR A 184 9.72 9.76 -17.29
C THR A 184 8.42 9.92 -16.51
N GLY A 185 7.88 11.13 -16.48
CA GLY A 185 6.63 11.36 -15.79
C GLY A 185 5.50 10.62 -16.46
N TYR A 186 4.42 10.37 -15.71
CA TYR A 186 3.25 9.68 -16.22
C TYR A 186 2.79 10.31 -17.52
N PRO A 187 2.40 9.49 -18.52
CA PRO A 187 2.37 8.02 -18.50
C PRO A 187 3.52 7.37 -19.26
N SER A 188 4.69 8.02 -19.26
CA SER A 188 5.86 7.50 -19.99
C SER A 188 6.44 6.23 -19.37
N ARG A 189 7.30 5.56 -20.12
CA ARG A 189 7.95 4.37 -19.62
C ARG A 189 8.88 4.91 -18.56
N GLY A 190 9.32 4.05 -17.65
CA GLY A 190 10.25 4.52 -16.63
C GLY A 190 11.67 4.32 -17.12
N LYS A 191 12.63 4.93 -16.44
CA LYS A 191 14.04 4.77 -16.79
C LYS A 191 14.70 4.09 -15.60
N PHE A 192 15.54 3.10 -15.89
CA PHE A 192 16.26 2.41 -14.84
C PHE A 192 17.15 3.41 -14.10
N GLN A 193 17.32 3.19 -12.80
CA GLN A 193 18.07 4.08 -11.94
C GLN A 193 19.27 3.40 -11.28
N ALA A 194 20.12 2.77 -12.08
CA ALA A 194 21.29 2.10 -11.53
C ALA A 194 22.50 2.46 -12.37
N TYR A 195 22.69 3.75 -12.64
CA TYR A 195 23.81 4.17 -13.47
C TYR A 195 24.93 4.96 -12.82
N THR A 196 24.94 4.98 -11.50
CA THR A 196 26.02 5.64 -10.78
C THR A 196 27.16 4.61 -10.82
N GLU A 197 28.40 5.05 -10.62
CA GLU A 197 29.51 4.12 -10.65
C GLU A 197 29.34 3.06 -9.59
N PHE A 198 28.78 3.47 -8.45
CA PHE A 198 28.58 2.54 -7.35
C PHE A 198 27.63 1.42 -7.74
N ALA A 199 26.51 1.78 -8.37
CA ALA A 199 25.51 0.81 -8.78
C ALA A 199 26.10 -0.16 -9.80
N LYS A 200 26.85 0.37 -10.75
CA LYS A 200 27.44 -0.46 -11.79
C LYS A 200 28.39 -1.52 -11.21
N SER A 201 29.27 -1.11 -10.30
CA SER A 201 30.20 -2.05 -9.71
C SER A 201 29.47 -3.06 -8.81
N LYS A 202 28.42 -2.62 -8.13
CA LYS A 202 27.67 -3.53 -7.27
C LYS A 202 27.04 -4.62 -8.11
N PHE A 203 26.49 -4.26 -9.27
CA PHE A 203 25.88 -5.25 -10.14
C PHE A 203 26.97 -6.17 -10.68
N ARG A 204 28.11 -5.59 -11.04
CA ARG A 204 29.21 -6.37 -11.57
C ARG A 204 29.67 -7.40 -10.54
N LEU A 205 29.86 -6.96 -9.29
CA LEU A 205 30.28 -7.86 -8.23
C LEU A 205 29.23 -8.94 -7.93
N TRP A 206 27.95 -8.57 -8.01
CA TRP A 206 26.86 -9.51 -7.76
C TRP A 206 26.87 -10.60 -8.83
N VAL A 207 27.06 -10.20 -10.09
CA VAL A 207 27.10 -11.16 -11.20
C VAL A 207 28.28 -12.11 -11.01
N LEU A 208 29.43 -11.56 -10.65
CA LEU A 208 30.63 -12.35 -10.44
C LEU A 208 30.49 -13.26 -9.24
N ASN A 209 29.78 -12.79 -8.22
CA ASN A 209 29.59 -13.61 -7.03
C ASN A 209 28.70 -14.78 -7.41
N LYS A 210 27.70 -14.51 -8.24
CA LYS A 210 26.78 -15.58 -8.64
C LYS A 210 27.40 -16.65 -9.52
N TYR A 211 28.18 -16.23 -10.51
CA TYR A 211 28.79 -17.16 -11.45
C TYR A 211 30.25 -17.53 -11.21
N GLY A 212 30.96 -16.74 -10.43
CA GLY A 212 32.34 -17.04 -10.15
C GLY A 212 33.31 -16.29 -11.02
N SER A 213 33.23 -16.49 -12.33
CA SER A 213 34.13 -15.82 -13.26
C SER A 213 33.46 -15.38 -14.55
N LEU A 214 34.13 -14.50 -15.26
CA LEU A 214 33.63 -13.98 -16.53
C LEU A 214 33.25 -15.12 -17.48
N ASN A 215 34.06 -16.17 -17.51
CA ASN A 215 33.77 -17.30 -18.39
C ASN A 215 32.47 -17.97 -18.02
N GLU A 216 32.19 -18.07 -16.73
CA GLU A 216 30.94 -18.68 -16.30
C GLU A 216 29.80 -17.73 -16.63
N VAL A 217 30.08 -16.44 -16.56
CA VAL A 217 29.08 -15.44 -16.88
C VAL A 217 28.74 -15.59 -18.36
N ASN A 218 29.76 -15.47 -19.21
CA ASN A 218 29.55 -15.58 -20.65
C ASN A 218 28.86 -16.87 -21.01
N LYS A 219 29.12 -17.91 -20.22
CA LYS A 219 28.51 -19.20 -20.47
C LYS A 219 27.01 -19.17 -20.13
N ALA A 220 26.68 -18.56 -19.00
CA ALA A 220 25.30 -18.47 -18.55
C ALA A 220 24.45 -17.52 -19.42
N TRP A 221 25.01 -16.36 -19.75
CA TRP A 221 24.30 -15.37 -20.55
C TRP A 221 24.42 -15.66 -22.05
N GLY A 222 25.20 -16.67 -22.41
CA GLY A 222 25.38 -16.98 -23.81
C GLY A 222 25.94 -15.77 -24.51
N THR A 223 26.76 -15.00 -23.80
CA THR A 223 27.36 -13.80 -24.35
C THR A 223 28.84 -14.00 -24.67
N LYS A 224 29.50 -12.92 -25.07
CA LYS A 224 30.90 -12.96 -25.41
C LYS A 224 31.62 -11.73 -24.86
N LEU A 225 31.33 -11.40 -23.61
CA LEU A 225 31.96 -10.26 -22.97
C LEU A 225 33.48 -10.41 -22.95
N ILE A 226 34.17 -9.37 -23.38
CA ILE A 226 35.61 -9.39 -23.45
C ILE A 226 36.28 -9.28 -22.07
N SER A 227 35.72 -8.46 -21.20
CA SER A 227 36.29 -8.30 -19.86
C SER A 227 35.22 -8.05 -18.81
N GLU A 228 35.62 -8.09 -17.54
CA GLU A 228 34.69 -7.89 -16.43
C GLU A 228 34.01 -6.52 -16.49
N LEU A 229 34.71 -5.51 -17.00
CA LEU A 229 34.12 -4.17 -17.09
C LEU A 229 32.94 -4.12 -18.06
N ALA A 230 32.81 -5.15 -18.89
CA ALA A 230 31.72 -5.22 -19.86
C ALA A 230 30.42 -5.63 -19.20
N ILE A 231 30.50 -6.08 -17.95
CA ILE A 231 29.29 -6.46 -17.21
C ILE A 231 28.68 -5.12 -16.80
N LEU A 232 27.53 -4.79 -17.38
CA LEU A 232 26.89 -3.50 -17.12
C LEU A 232 25.37 -3.55 -17.17
N PRO A 233 24.72 -2.50 -16.63
CA PRO A 233 23.26 -2.45 -16.63
C PRO A 233 22.90 -2.16 -18.08
N PRO A 234 21.61 -2.20 -18.44
CA PRO A 234 21.20 -1.95 -19.83
C PRO A 234 21.69 -0.61 -20.37
N SER A 235 22.22 -0.62 -21.60
CA SER A 235 22.70 0.61 -22.23
C SER A 235 21.48 1.32 -22.81
N ASP A 236 20.53 0.52 -23.27
CA ASP A 236 19.31 1.04 -23.88
C ASP A 236 18.10 0.49 -23.11
N GLY A 237 17.54 1.29 -22.21
CA GLY A 237 16.40 0.85 -21.42
C GLY A 237 15.21 0.42 -22.25
N GLU A 238 14.97 1.13 -23.34
CA GLU A 238 13.84 0.82 -24.22
C GLU A 238 13.98 -0.56 -24.86
N GLN A 239 15.14 -0.82 -25.43
CA GLN A 239 15.40 -2.10 -26.07
C GLN A 239 15.32 -3.20 -25.00
N PHE A 240 15.82 -2.92 -23.81
CA PHE A 240 15.78 -3.91 -22.74
C PHE A 240 14.33 -4.27 -22.40
N LEU A 241 13.47 -3.27 -22.35
CA LEU A 241 12.06 -3.47 -22.03
C LEU A 241 11.27 -4.11 -23.16
N MET A 242 11.75 -3.93 -24.39
CA MET A 242 11.12 -4.52 -25.56
C MET A 242 11.34 -6.03 -25.65
N ASN A 243 12.55 -6.49 -25.34
CA ASN A 243 12.81 -7.92 -25.39
C ASN A 243 14.08 -8.38 -24.68
N GLY A 244 14.95 -7.45 -24.31
CA GLY A 244 16.15 -7.84 -23.61
C GLY A 244 15.84 -8.52 -22.28
N TYR A 245 14.72 -8.13 -21.69
CA TYR A 245 14.30 -8.68 -20.41
C TYR A 245 14.03 -10.19 -20.49
N LEU A 246 13.79 -10.70 -21.68
CA LEU A 246 13.51 -12.12 -21.85
C LEU A 246 14.75 -13.03 -21.79
N SER A 247 15.94 -12.45 -21.90
CA SER A 247 17.18 -13.24 -21.87
C SER A 247 17.69 -13.54 -20.46
N MET A 248 18.68 -14.43 -20.39
CA MET A 248 19.25 -14.81 -19.11
C MET A 248 19.86 -13.61 -18.43
N TYR A 249 20.40 -12.71 -19.24
CA TYR A 249 21.00 -11.49 -18.71
C TYR A 249 19.93 -10.63 -18.09
N GLY A 250 18.84 -10.45 -18.82
CA GLY A 250 17.73 -9.63 -18.34
C GLY A 250 17.20 -10.13 -17.02
N LYS A 251 16.98 -11.44 -16.94
CA LYS A 251 16.49 -12.04 -15.71
C LYS A 251 17.43 -11.74 -14.55
N ASP A 252 18.73 -11.88 -14.78
CA ASP A 252 19.69 -11.60 -13.71
C ASP A 252 19.68 -10.13 -13.35
N TYR A 253 19.73 -9.26 -14.35
CA TYR A 253 19.72 -7.84 -14.06
C TYR A 253 18.47 -7.47 -13.24
N LEU A 254 17.30 -7.90 -13.68
CA LEU A 254 16.09 -7.57 -12.95
C LEU A 254 16.06 -8.21 -11.56
N GLU A 255 16.64 -9.40 -11.42
CA GLU A 255 16.68 -10.05 -10.12
C GLU A 255 17.50 -9.19 -9.16
N TRP A 256 18.66 -8.76 -9.62
CA TRP A 256 19.53 -7.91 -8.81
C TRP A 256 18.83 -6.60 -8.49
N TYR A 257 18.31 -5.98 -9.54
CA TYR A 257 17.64 -4.68 -9.43
C TYR A 257 16.52 -4.68 -8.41
N GLN A 258 15.58 -5.64 -8.51
CA GLN A 258 14.49 -5.73 -7.56
C GLN A 258 15.07 -6.19 -6.22
N GLY A 259 16.12 -7.00 -6.29
CA GLY A 259 16.77 -7.50 -5.09
C GLY A 259 17.20 -6.39 -4.14
N ILE A 260 17.74 -5.30 -4.69
CA ILE A 260 18.17 -4.19 -3.85
C ILE A 260 17.02 -3.71 -2.97
N LEU A 261 15.82 -3.62 -3.54
CA LEU A 261 14.66 -3.16 -2.79
C LEU A 261 14.23 -4.17 -1.74
N GLU A 262 14.39 -5.46 -2.05
CA GLU A 262 14.01 -6.49 -1.10
C GLU A 262 14.97 -6.48 0.08
N ASN A 263 16.26 -6.32 -0.19
CA ASN A 263 17.25 -6.26 0.88
C ASN A 263 17.03 -5.02 1.75
N HIS A 264 16.66 -3.93 1.11
CA HIS A 264 16.41 -2.67 1.81
C HIS A 264 15.21 -2.86 2.75
N THR A 265 14.18 -3.55 2.27
CA THR A 265 12.97 -3.79 3.05
C THR A 265 13.34 -4.54 4.33
N LYS A 266 14.14 -5.59 4.19
CA LYS A 266 14.55 -6.37 5.35
C LYS A 266 15.38 -5.54 6.32
N LEU A 267 16.22 -4.64 5.79
CA LEU A 267 17.04 -3.81 6.65
C LEU A 267 16.18 -2.84 7.47
N ILE A 268 15.43 -1.97 6.80
CA ILE A 268 14.62 -0.99 7.54
C ILE A 268 13.60 -1.69 8.45
N GLY A 269 13.14 -2.86 8.03
CA GLY A 269 12.19 -3.59 8.84
C GLY A 269 12.85 -4.00 10.15
N GLU A 270 14.10 -4.41 10.06
CA GLU A 270 14.84 -4.83 11.25
C GLU A 270 15.19 -3.63 12.14
N LEU A 271 15.67 -2.56 11.55
CA LEU A 271 16.01 -1.36 12.34
C LEU A 271 14.76 -0.86 13.07
N ALA A 272 13.63 -0.85 12.35
CA ALA A 272 12.36 -0.40 12.90
C ALA A 272 11.88 -1.25 14.07
N HIS A 273 11.86 -2.56 13.89
CA HIS A 273 11.43 -3.45 14.96
C HIS A 273 12.35 -3.32 16.17
N ASN A 274 13.66 -3.26 15.94
CA ASN A 274 14.59 -3.12 17.04
C ASN A 274 14.33 -1.84 17.82
N ALA A 275 13.94 -0.78 17.12
CA ALA A 275 13.69 0.51 17.78
C ALA A 275 12.30 0.73 18.36
N PHE A 276 11.29 0.06 17.84
CA PHE A 276 9.92 0.30 18.33
C PHE A 276 9.17 -0.84 19.02
N ASP A 277 9.54 -2.08 18.72
CA ASP A 277 8.82 -3.23 19.29
C ASP A 277 8.60 -3.26 20.79
N THR A 278 9.64 -3.02 21.58
CA THR A 278 9.49 -3.05 23.03
C THR A 278 8.77 -1.80 23.55
N THR A 279 9.10 -0.65 22.96
CA THR A 279 8.50 0.62 23.38
C THR A 279 7.03 0.82 23.02
N PHE A 280 6.68 0.64 21.75
CA PHE A 280 5.31 0.85 21.29
C PHE A 280 4.46 -0.39 21.06
N GLN A 281 5.06 -1.48 20.60
CA GLN A 281 4.31 -2.71 20.35
C GLN A 281 3.18 -2.53 19.34
N VAL A 282 3.45 -1.79 18.27
CA VAL A 282 2.44 -1.57 17.25
C VAL A 282 2.94 -2.08 15.91
N PRO A 283 2.01 -2.41 15.01
CA PRO A 283 2.37 -2.91 13.69
C PRO A 283 3.24 -1.89 12.95
N ILE A 284 4.10 -2.38 12.07
CA ILE A 284 4.94 -1.52 11.28
C ILE A 284 4.68 -1.88 9.83
N GLY A 285 4.65 -0.89 8.96
CA GLY A 285 4.40 -1.17 7.56
C GLY A 285 5.13 -0.24 6.61
N ALA A 286 5.11 -0.59 5.33
CA ALA A 286 5.76 0.20 4.31
C ALA A 286 4.82 0.26 3.12
N LYS A 287 5.14 1.10 2.13
CA LYS A 287 4.27 1.24 0.98
C LYS A 287 4.88 0.81 -0.33
N ILE A 288 4.04 0.21 -1.17
CA ILE A 288 4.44 -0.19 -2.49
C ILE A 288 3.63 0.72 -3.40
N ALA A 289 4.27 1.32 -4.40
CA ALA A 289 3.57 2.22 -5.30
C ALA A 289 2.68 1.49 -6.31
N GLY A 290 1.68 2.19 -6.81
CA GLY A 290 0.79 1.61 -7.80
C GLY A 290 1.19 2.17 -9.16
N VAL A 291 2.20 1.56 -9.78
CA VAL A 291 2.68 2.00 -11.08
C VAL A 291 1.84 1.28 -12.13
N HIS A 292 0.63 1.80 -12.33
CA HIS A 292 -0.35 1.20 -13.22
C HIS A 292 -0.26 1.50 -14.72
N TRP A 293 0.56 2.48 -15.11
CA TRP A 293 0.63 2.79 -16.54
C TRP A 293 1.66 1.95 -17.29
N GLN A 294 1.41 1.74 -18.57
CA GLN A 294 2.27 0.94 -19.44
C GLN A 294 2.22 -0.53 -19.02
N TYR A 295 1.21 -0.87 -18.24
CA TYR A 295 1.04 -2.23 -17.74
C TYR A 295 0.92 -3.23 -18.90
N ASN A 296 -0.01 -2.96 -19.82
CA ASN A 296 -0.23 -3.85 -20.95
C ASN A 296 0.24 -3.27 -22.28
N ASN A 297 1.30 -2.47 -22.25
CA ASN A 297 1.86 -1.92 -23.49
C ASN A 297 2.47 -3.13 -24.19
N PRO A 298 1.98 -3.47 -25.39
CA PRO A 298 2.53 -4.62 -26.12
C PRO A 298 4.01 -4.50 -26.47
N THR A 299 4.47 -3.28 -26.74
CA THR A 299 5.86 -3.04 -27.10
C THR A 299 6.83 -3.12 -25.93
N ILE A 300 6.48 -2.47 -24.82
CA ILE A 300 7.33 -2.49 -23.63
C ILE A 300 6.49 -2.90 -22.42
N PRO A 301 6.08 -4.18 -22.36
CA PRO A 301 5.26 -4.69 -21.25
C PRO A 301 5.77 -4.26 -19.89
N HIS A 302 4.85 -3.76 -19.06
CA HIS A 302 5.19 -3.30 -17.72
C HIS A 302 6.34 -2.32 -17.80
N GLY A 303 6.27 -1.46 -18.82
CA GLY A 303 7.30 -0.47 -19.07
C GLY A 303 7.55 0.56 -18.00
N ALA A 304 6.61 0.71 -17.06
CA ALA A 304 6.79 1.70 -16.00
C ALA A 304 7.12 0.99 -14.68
N GLU A 305 6.57 -0.20 -14.48
CA GLU A 305 6.80 -0.97 -13.25
C GLU A 305 8.23 -1.47 -13.09
N LYS A 306 8.75 -2.16 -14.10
CA LYS A 306 10.11 -2.70 -14.06
C LYS A 306 11.18 -1.67 -13.70
N PRO A 307 11.18 -0.48 -14.34
CA PRO A 307 12.19 0.53 -14.01
C PRO A 307 11.98 1.01 -12.58
N ALA A 308 10.73 0.95 -12.10
CA ALA A 308 10.44 1.36 -10.72
C ALA A 308 10.98 0.31 -9.76
N GLY A 309 11.24 -0.89 -10.28
CA GLY A 309 11.79 -1.96 -9.44
C GLY A 309 10.85 -3.13 -9.22
N TYR A 310 9.68 -3.09 -9.85
CA TYR A 310 8.70 -4.14 -9.68
C TYR A 310 8.66 -5.11 -10.83
N ASN A 311 9.37 -6.23 -10.71
CA ASN A 311 9.36 -7.21 -11.77
C ASN A 311 8.59 -8.47 -11.37
N ASP A 312 8.72 -8.85 -10.11
CA ASP A 312 8.06 -10.02 -9.56
C ASP A 312 7.47 -9.63 -8.21
N TYR A 313 6.18 -9.29 -8.19
CA TYR A 313 5.51 -8.86 -6.96
C TYR A 313 5.45 -9.96 -5.91
N SER A 314 5.35 -11.21 -6.35
CA SER A 314 5.29 -12.31 -5.41
C SER A 314 6.57 -12.35 -4.58
N HIS A 315 7.69 -12.23 -5.28
CA HIS A 315 8.99 -12.24 -4.65
C HIS A 315 9.16 -11.00 -3.79
N LEU A 316 8.61 -9.87 -4.24
CA LEU A 316 8.71 -8.61 -3.52
C LEU A 316 7.99 -8.73 -2.17
N LEU A 317 6.77 -9.25 -2.21
CA LEU A 317 5.97 -9.39 -1.01
C LEU A 317 6.58 -10.33 0.02
N ASP A 318 7.34 -11.32 -0.45
CA ASP A 318 7.99 -12.26 0.46
C ASP A 318 8.94 -11.49 1.36
N ALA A 319 9.56 -10.45 0.81
CA ALA A 319 10.50 -9.64 1.58
C ALA A 319 9.75 -8.94 2.71
N PHE A 320 8.50 -8.55 2.45
CA PHE A 320 7.69 -7.86 3.46
C PHE A 320 7.29 -8.82 4.56
N LYS A 321 6.82 -10.01 4.17
CA LYS A 321 6.44 -10.99 5.19
C LYS A 321 7.66 -11.34 5.99
N SER A 322 8.79 -11.51 5.31
CA SER A 322 10.04 -11.84 5.96
C SER A 322 10.49 -10.74 6.93
N ALA A 323 10.27 -9.49 6.54
CA ALA A 323 10.66 -8.37 7.38
C ALA A 323 9.61 -8.05 8.45
N LYS A 324 8.46 -8.71 8.37
CA LYS A 324 7.37 -8.48 9.32
C LYS A 324 6.81 -7.07 9.22
N LEU A 325 6.51 -6.67 7.99
CA LEU A 325 5.95 -5.35 7.72
C LEU A 325 4.61 -5.51 7.00
N ASP A 326 3.61 -4.74 7.42
CA ASP A 326 2.32 -4.79 6.75
C ASP A 326 2.54 -4.02 5.46
N VAL A 327 1.71 -4.28 4.46
CA VAL A 327 1.84 -3.62 3.17
C VAL A 327 0.69 -2.69 2.84
N THR A 328 1.01 -1.55 2.24
CA THR A 328 0.01 -0.59 1.81
C THR A 328 0.11 -0.45 0.30
N PHE A 329 -1.02 -0.52 -0.38
CA PHE A 329 -1.06 -0.39 -1.82
C PHE A 329 -2.03 0.74 -2.16
N THR A 330 -1.99 1.23 -3.39
CA THR A 330 -2.87 2.33 -3.79
C THR A 330 -3.67 2.06 -5.07
N CYS A 331 -4.35 3.09 -5.56
CA CYS A 331 -5.16 3.03 -6.77
C CYS A 331 -6.48 2.31 -6.56
N LEU A 332 -6.87 2.12 -5.31
CA LEU A 332 -8.13 1.44 -5.03
C LEU A 332 -9.34 2.16 -5.65
N GLU A 333 -9.20 3.46 -5.91
CA GLU A 333 -10.30 4.22 -6.49
C GLU A 333 -10.39 4.16 -8.01
N MET A 334 -9.34 3.70 -8.67
CA MET A 334 -9.32 3.65 -10.12
C MET A 334 -9.89 2.39 -10.78
N THR A 335 -10.12 2.48 -12.09
CA THR A 335 -10.63 1.35 -12.86
C THR A 335 -9.71 1.10 -14.03
N ASP A 336 -9.85 -0.06 -14.67
CA ASP A 336 -9.01 -0.40 -15.79
C ASP A 336 -9.36 0.35 -17.07
N LYS A 337 -8.35 0.57 -17.89
CA LYS A 337 -8.50 1.22 -19.19
C LYS A 337 -7.71 0.35 -20.17
N GLY A 338 -6.40 0.28 -19.95
CA GLY A 338 -5.55 -0.54 -20.79
C GLY A 338 -5.54 -0.21 -22.26
N SER A 339 -5.76 1.06 -22.60
CA SER A 339 -5.76 1.46 -23.99
C SER A 339 -4.61 2.42 -24.25
N TYR A 340 -4.17 2.49 -25.50
CA TYR A 340 -3.11 3.39 -25.90
C TYR A 340 -3.59 4.80 -25.54
N PRO A 341 -2.71 5.69 -25.06
CA PRO A 341 -1.27 5.50 -24.82
C PRO A 341 -0.86 5.16 -23.38
N GLU A 342 -1.77 5.28 -22.42
CA GLU A 342 -1.41 5.00 -21.03
C GLU A 342 -1.27 3.52 -20.69
N TYR A 343 -2.10 2.68 -21.32
CA TYR A 343 -2.09 1.25 -21.04
C TYR A 343 -2.17 1.09 -19.53
N SER A 344 -3.14 1.77 -18.93
CA SER A 344 -3.34 1.76 -17.50
C SER A 344 -4.27 0.66 -17.00
N MET A 345 -3.79 -0.14 -16.07
CA MET A 345 -4.57 -1.25 -15.51
C MET A 345 -4.47 -1.27 -13.98
N PRO A 346 -4.86 -0.18 -13.32
CA PRO A 346 -4.83 -0.04 -11.86
C PRO A 346 -5.61 -1.12 -11.11
N LYS A 347 -6.87 -1.31 -11.49
CA LYS A 347 -7.71 -2.29 -10.80
C LYS A 347 -7.16 -3.70 -10.90
N THR A 348 -6.71 -4.08 -12.10
CA THR A 348 -6.15 -5.41 -12.29
C THR A 348 -4.92 -5.53 -11.39
N LEU A 349 -4.13 -4.47 -11.32
CA LEU A 349 -2.93 -4.45 -10.50
C LEU A 349 -3.29 -4.63 -9.03
N VAL A 350 -4.25 -3.84 -8.54
CA VAL A 350 -4.66 -3.92 -7.14
C VAL A 350 -5.16 -5.32 -6.80
N GLN A 351 -5.93 -5.92 -7.70
CA GLN A 351 -6.46 -7.26 -7.47
C GLN A 351 -5.35 -8.30 -7.34
N ASN A 352 -4.35 -8.20 -8.20
CA ASN A 352 -3.23 -9.14 -8.17
C ASN A 352 -2.45 -8.99 -6.87
N ILE A 353 -2.11 -7.75 -6.53
CA ILE A 353 -1.35 -7.47 -5.30
C ILE A 353 -2.10 -7.95 -4.06
N ALA A 354 -3.42 -7.74 -4.05
CA ALA A 354 -4.26 -8.15 -2.93
C ALA A 354 -4.30 -9.68 -2.83
N THR A 355 -4.49 -10.35 -3.97
CA THR A 355 -4.55 -11.79 -4.00
C THR A 355 -3.24 -12.37 -3.44
N LEU A 356 -2.12 -11.84 -3.88
CA LEU A 356 -0.82 -12.29 -3.42
C LEU A 356 -0.66 -12.04 -1.93
N ALA A 357 -1.00 -10.84 -1.49
CA ALA A 357 -0.87 -10.47 -0.08
C ALA A 357 -1.68 -11.41 0.81
N ASN A 358 -2.93 -11.67 0.43
CA ASN A 358 -3.78 -12.55 1.21
C ASN A 358 -3.24 -13.97 1.27
N GLU A 359 -2.65 -14.44 0.17
CA GLU A 359 -2.10 -15.79 0.13
C GLU A 359 -0.94 -15.98 1.10
N LYS A 360 -0.07 -14.98 1.15
CA LYS A 360 1.10 -15.03 2.02
C LYS A 360 0.80 -14.65 3.46
N GLY A 361 -0.43 -14.21 3.72
CA GLY A 361 -0.80 -13.82 5.07
C GLY A 361 -0.26 -12.44 5.46
N ILE A 362 -0.20 -11.53 4.49
CA ILE A 362 0.30 -10.20 4.77
C ILE A 362 -0.86 -9.23 4.99
N VAL A 363 -0.80 -8.47 6.07
CA VAL A 363 -1.85 -7.49 6.39
C VAL A 363 -1.87 -6.45 5.29
N LEU A 364 -3.04 -6.27 4.68
CA LEU A 364 -3.19 -5.35 3.57
C LEU A 364 -3.94 -4.06 3.91
N ASN A 365 -3.35 -2.94 3.54
CA ASN A 365 -3.95 -1.63 3.77
C ASN A 365 -3.95 -0.89 2.44
N GLY A 366 -5.00 -0.13 2.16
CA GLY A 366 -5.05 0.57 0.90
C GLY A 366 -5.17 2.08 1.00
N GLU A 367 -4.95 2.76 -0.12
CA GLU A 367 -5.05 4.21 -0.21
C GLU A 367 -5.58 4.56 -1.59
N ASN A 368 -6.00 5.80 -1.78
CA ASN A 368 -6.45 6.24 -3.08
C ASN A 368 -5.23 6.96 -3.64
N ALA A 369 -5.05 6.90 -4.96
CA ALA A 369 -3.92 7.55 -5.60
C ALA A 369 -4.11 9.06 -5.68
N LEU A 370 -5.23 9.48 -6.25
CA LEU A 370 -5.54 10.90 -6.40
C LEU A 370 -6.72 11.30 -5.52
N SER A 371 -6.90 12.60 -5.32
CA SER A 371 -7.99 13.12 -4.51
C SER A 371 -9.32 12.67 -5.10
N ILE A 372 -10.29 12.38 -4.22
CA ILE A 372 -11.60 11.94 -4.66
C ILE A 372 -12.58 13.10 -4.55
N GLY A 373 -13.34 13.32 -5.62
CA GLY A 373 -14.29 14.42 -5.63
C GLY A 373 -15.72 13.98 -5.86
N ASN A 374 -15.95 12.68 -6.00
CA ASN A 374 -17.31 12.21 -6.21
C ASN A 374 -17.58 10.87 -5.56
N GLU A 375 -18.80 10.73 -5.06
CA GLU A 375 -19.28 9.54 -4.39
C GLU A 375 -18.98 8.25 -5.16
N GLU A 376 -18.97 8.34 -6.49
CA GLU A 376 -18.74 7.16 -7.30
C GLU A 376 -17.39 6.50 -7.07
N GLU A 377 -16.36 7.30 -6.83
CA GLU A 377 -15.03 6.77 -6.58
C GLU A 377 -14.96 6.09 -5.23
N TYR A 378 -15.74 6.57 -4.26
CA TYR A 378 -15.75 5.95 -2.95
C TYR A 378 -16.30 4.53 -3.10
N LYS A 379 -17.24 4.38 -4.03
CA LYS A 379 -17.83 3.07 -4.29
C LYS A 379 -16.78 2.09 -4.82
N ARG A 380 -15.93 2.56 -5.72
CA ARG A 380 -14.87 1.72 -6.27
C ARG A 380 -13.95 1.29 -5.14
N VAL A 381 -13.60 2.24 -4.28
CA VAL A 381 -12.74 1.92 -3.16
C VAL A 381 -13.41 0.86 -2.29
N ALA A 382 -14.69 1.07 -2.00
CA ALA A 382 -15.45 0.14 -1.17
C ALA A 382 -15.42 -1.28 -1.75
N GLU A 383 -15.63 -1.39 -3.06
CA GLU A 383 -15.65 -2.70 -3.72
C GLU A 383 -14.33 -3.45 -3.50
N MET A 384 -13.22 -2.76 -3.73
CA MET A 384 -11.90 -3.36 -3.57
C MET A 384 -11.59 -3.64 -2.10
N ALA A 385 -11.74 -2.61 -1.27
CA ALA A 385 -11.45 -2.72 0.14
C ALA A 385 -12.22 -3.81 0.85
N PHE A 386 -13.53 -3.85 0.64
CA PHE A 386 -14.35 -4.83 1.32
C PHE A 386 -14.46 -6.21 0.67
N ASN A 387 -13.94 -6.37 -0.54
CA ASN A 387 -13.99 -7.69 -1.17
C ASN A 387 -12.63 -8.33 -1.37
N TYR A 388 -11.58 -7.60 -1.05
CA TYR A 388 -10.23 -8.16 -1.18
C TYR A 388 -9.49 -8.21 0.13
N ASN A 389 -10.26 -8.21 1.21
CA ASN A 389 -9.75 -8.33 2.55
C ASN A 389 -8.86 -7.23 3.13
N PHE A 390 -9.02 -5.99 2.68
CA PHE A 390 -8.20 -4.91 3.23
C PHE A 390 -8.51 -4.70 4.71
N ALA A 391 -7.47 -4.50 5.52
CA ALA A 391 -7.66 -4.29 6.95
C ALA A 391 -7.76 -2.81 7.24
N GLY A 392 -7.49 -1.99 6.24
CA GLY A 392 -7.59 -0.57 6.45
C GLY A 392 -7.54 0.23 5.17
N PHE A 393 -8.12 1.41 5.23
CA PHE A 393 -8.13 2.31 4.09
C PHE A 393 -7.77 3.70 4.59
N THR A 394 -6.79 4.31 3.95
CA THR A 394 -6.36 5.65 4.32
C THR A 394 -6.74 6.61 3.19
N LEU A 395 -7.56 7.60 3.51
CA LEU A 395 -7.99 8.56 2.51
C LEU A 395 -7.05 9.75 2.40
N LEU A 396 -6.59 10.03 1.18
CA LEU A 396 -5.76 11.18 0.92
C LEU A 396 -6.72 12.10 0.19
N ARG A 397 -6.90 13.33 0.67
CA ARG A 397 -6.21 13.84 1.84
C ARG A 397 -7.11 14.78 2.65
N TYR A 398 -6.74 14.99 3.91
CA TYR A 398 -7.42 15.85 4.90
C TYR A 398 -8.47 16.86 4.39
N GLN A 399 -7.99 17.93 3.74
CA GLN A 399 -8.87 18.99 3.23
C GLN A 399 -10.03 18.52 2.35
N ASP A 400 -9.80 17.46 1.56
CA ASP A 400 -10.84 16.97 0.66
C ASP A 400 -12.19 16.69 1.33
N VAL A 401 -12.18 16.16 2.55
CA VAL A 401 -13.44 15.88 3.24
C VAL A 401 -13.67 16.80 4.41
N MET A 402 -12.62 17.43 4.91
CA MET A 402 -12.77 18.32 6.04
C MET A 402 -13.49 19.61 5.68
N TYR A 403 -13.33 20.07 4.44
CA TYR A 403 -13.98 21.30 4.00
C TYR A 403 -15.11 21.05 3.01
N ASN A 404 -15.63 19.83 3.03
CA ASN A 404 -16.72 19.47 2.14
C ASN A 404 -17.61 18.48 2.88
N ASN A 405 -18.61 19.02 3.55
CA ASN A 405 -19.57 18.25 4.35
C ASN A 405 -20.31 17.15 3.61
N SER A 406 -20.70 17.41 2.37
CA SER A 406 -21.45 16.39 1.63
C SER A 406 -20.53 15.24 1.24
N LEU A 407 -19.29 15.55 0.88
CA LEU A 407 -18.36 14.51 0.50
C LEU A 407 -18.03 13.69 1.74
N MET A 408 -17.87 14.37 2.87
CA MET A 408 -17.58 13.73 4.15
C MET A 408 -18.73 12.79 4.53
N GLY A 409 -19.95 13.24 4.31
CA GLY A 409 -21.12 12.44 4.62
C GLY A 409 -21.17 11.17 3.80
N LYS A 410 -20.70 11.26 2.56
CA LYS A 410 -20.70 10.09 1.68
C LYS A 410 -19.61 9.12 2.11
N PHE A 411 -18.47 9.65 2.56
CA PHE A 411 -17.39 8.79 3.02
C PHE A 411 -17.82 8.05 4.29
N LYS A 412 -18.48 8.75 5.19
CA LYS A 412 -18.96 8.14 6.43
C LYS A 412 -19.84 6.93 6.13
N ASP A 413 -20.76 7.12 5.18
CA ASP A 413 -21.70 6.08 4.78
C ASP A 413 -21.07 4.88 4.08
N LEU A 414 -20.20 5.16 3.10
CA LEU A 414 -19.58 4.08 2.34
C LEU A 414 -18.30 3.50 2.89
N LEU A 415 -17.47 4.33 3.54
CA LEU A 415 -16.19 3.87 4.04
C LEU A 415 -15.88 3.99 5.53
N GLY A 416 -16.53 4.93 6.22
CA GLY A 416 -16.26 5.09 7.64
C GLY A 416 -17.08 4.13 8.47
N VAL A 417 -17.10 2.87 8.05
CA VAL A 417 -17.89 1.85 8.72
C VAL A 417 -17.16 1.06 9.80
N THR A 418 -17.91 0.67 10.82
CA THR A 418 -17.38 -0.13 11.91
C THR A 418 -17.90 -1.53 11.63
N PRO A 419 -16.98 -2.48 11.42
CA PRO A 419 -17.43 -3.85 11.14
C PRO A 419 -17.97 -4.57 12.38
N VAL A 420 -19.15 -5.18 12.25
CA VAL A 420 -19.74 -5.91 13.37
C VAL A 420 -20.18 -7.29 12.91
N MET A 421 -19.86 -8.30 13.72
CA MET A 421 -20.20 -9.68 13.43
C MET A 421 -21.67 -9.92 13.71
N GLN A 422 -22.37 -10.53 12.74
CA GLN A 422 -23.78 -10.83 12.89
C GLN A 422 -24.02 -12.25 12.37
N THR A 423 -25.06 -12.89 12.87
CA THR A 423 -25.39 -14.24 12.43
C THR A 423 -26.58 -14.16 11.50
N ILE A 424 -26.40 -14.64 10.28
CA ILE A 424 -27.48 -14.66 9.32
C ILE A 424 -28.03 -16.07 9.30
N VAL A 425 -29.34 -16.20 9.35
CA VAL A 425 -29.96 -17.53 9.34
C VAL A 425 -31.06 -17.56 8.31
N VAL A 426 -30.98 -18.53 7.41
CA VAL A 426 -31.99 -18.68 6.38
C VAL A 426 -32.63 -20.04 6.53
N LYS A 427 -33.95 -20.05 6.67
CA LYS A 427 -34.68 -21.31 6.85
C LYS A 427 -35.48 -21.70 5.62
N ASN A 428 -35.90 -22.97 5.62
CA ASN A 428 -36.70 -23.55 4.54
C ASN A 428 -36.07 -23.44 3.16
N VAL A 429 -34.75 -23.63 3.06
CA VAL A 429 -34.06 -23.55 1.78
C VAL A 429 -34.15 -24.91 1.07
N PRO A 430 -34.70 -24.93 -0.15
CA PRO A 430 -34.83 -26.18 -0.91
C PRO A 430 -33.53 -26.65 -1.55
N THR A 431 -32.52 -26.93 -0.73
CA THR A 431 -31.24 -27.38 -1.26
C THR A 431 -31.25 -28.87 -1.57
N THR A 432 -30.47 -29.27 -2.57
CA THR A 432 -30.36 -30.66 -2.94
C THR A 432 -28.90 -31.05 -2.78
N ILE A 433 -28.63 -32.35 -2.75
CA ILE A 433 -27.26 -32.84 -2.58
C ILE A 433 -26.29 -32.12 -3.51
N GLY A 434 -25.28 -31.48 -2.92
CA GLY A 434 -24.29 -30.77 -3.70
C GLY A 434 -24.43 -29.25 -3.74
N ASP A 435 -25.61 -28.73 -3.37
CA ASP A 435 -25.82 -27.29 -3.40
C ASP A 435 -25.23 -26.58 -2.20
N THR A 436 -24.92 -25.30 -2.40
CA THR A 436 -24.35 -24.47 -1.35
C THR A 436 -25.13 -23.16 -1.33
N VAL A 437 -25.40 -22.63 -0.13
CA VAL A 437 -26.12 -21.38 -0.01
C VAL A 437 -25.18 -20.22 0.28
N TYR A 438 -25.43 -19.10 -0.39
CA TYR A 438 -24.64 -17.89 -0.22
C TYR A 438 -25.59 -16.72 -0.04
N ILE A 439 -25.04 -15.58 0.36
CA ILE A 439 -25.85 -14.39 0.49
C ILE A 439 -25.08 -13.30 -0.23
N THR A 440 -25.81 -12.40 -0.87
CA THR A 440 -25.20 -11.30 -1.55
C THR A 440 -26.14 -10.14 -1.27
N GLY A 441 -25.59 -8.93 -1.21
CA GLY A 441 -26.42 -7.77 -0.91
C GLY A 441 -26.07 -6.54 -1.71
N ASN A 442 -26.74 -5.43 -1.38
CA ASN A 442 -26.53 -4.19 -2.12
C ASN A 442 -25.24 -3.43 -1.85
N ARG A 443 -24.72 -3.49 -0.63
CA ARG A 443 -23.49 -2.78 -0.32
C ARG A 443 -22.25 -3.59 -0.70
N ALA A 444 -21.13 -2.91 -0.88
CA ALA A 444 -19.88 -3.58 -1.25
C ALA A 444 -19.53 -4.62 -0.19
N GLU A 445 -19.89 -4.33 1.06
CA GLU A 445 -19.62 -5.27 2.15
C GLU A 445 -20.32 -6.60 1.92
N LEU A 446 -21.31 -6.61 1.03
CA LEU A 446 -22.07 -7.81 0.73
C LEU A 446 -21.87 -8.29 -0.71
N GLY A 447 -20.83 -7.79 -1.37
CA GLY A 447 -20.56 -8.22 -2.73
C GLY A 447 -21.33 -7.52 -3.83
N SER A 448 -22.11 -6.49 -3.47
CA SER A 448 -22.89 -5.72 -4.43
C SER A 448 -23.67 -6.57 -5.45
N TRP A 449 -24.48 -7.50 -4.95
CA TRP A 449 -25.33 -8.36 -5.77
C TRP A 449 -24.57 -9.27 -6.73
N ASP A 450 -23.29 -9.45 -6.49
CA ASP A 450 -22.46 -10.31 -7.33
C ASP A 450 -22.53 -11.76 -6.84
N THR A 451 -22.83 -12.70 -7.72
CA THR A 451 -22.92 -14.12 -7.34
C THR A 451 -21.76 -14.93 -7.90
N LYS A 452 -20.92 -14.30 -8.69
CA LYS A 452 -19.79 -15.00 -9.30
C LYS A 452 -18.51 -14.99 -8.45
N GLN A 453 -18.06 -13.81 -8.07
CA GLN A 453 -16.82 -13.69 -7.29
C GLN A 453 -16.94 -13.31 -5.82
N TYR A 454 -17.85 -12.39 -5.52
CA TYR A 454 -17.96 -11.89 -4.15
C TYR A 454 -19.03 -12.39 -3.17
N PRO A 455 -19.84 -13.40 -3.55
CA PRO A 455 -20.85 -13.85 -2.57
C PRO A 455 -20.26 -14.42 -1.28
N ILE A 456 -21.02 -14.26 -0.20
CA ILE A 456 -20.63 -14.73 1.12
C ILE A 456 -21.26 -16.10 1.39
N GLN A 457 -20.43 -17.10 1.66
CA GLN A 457 -20.93 -18.44 1.89
C GLN A 457 -21.58 -18.65 3.25
N LEU A 458 -22.61 -19.48 3.27
CA LEU A 458 -23.33 -19.83 4.49
C LEU A 458 -23.11 -21.32 4.75
N TYR A 459 -23.34 -21.76 5.98
CA TYR A 459 -23.13 -23.15 6.33
C TYR A 459 -24.36 -23.87 6.86
N TYR A 460 -24.57 -25.07 6.35
CA TYR A 460 -25.69 -25.89 6.75
C TYR A 460 -25.60 -26.32 8.21
N ASP A 461 -26.70 -26.16 8.92
CA ASP A 461 -26.80 -26.56 10.32
C ASP A 461 -27.70 -27.80 10.27
N SER A 462 -27.08 -28.97 10.35
CA SER A 462 -27.80 -30.24 10.29
C SER A 462 -28.79 -30.43 11.43
N HIS A 463 -28.55 -29.75 12.54
CA HIS A 463 -29.43 -29.88 13.71
C HIS A 463 -30.78 -29.14 13.58
N SER A 464 -30.76 -27.92 13.06
CA SER A 464 -31.99 -27.15 12.92
C SER A 464 -32.41 -27.07 11.45
N ASN A 465 -31.72 -27.85 10.62
CA ASN A 465 -31.99 -27.90 9.19
C ASN A 465 -32.16 -26.54 8.50
N ASP A 466 -31.18 -25.68 8.69
CA ASP A 466 -31.20 -24.37 8.03
C ASP A 466 -29.77 -23.97 7.69
N TRP A 467 -29.61 -22.86 6.99
CA TRP A 467 -28.29 -22.41 6.62
C TRP A 467 -27.97 -21.14 7.39
N ARG A 468 -26.74 -21.04 7.88
CA ARG A 468 -26.33 -19.89 8.65
C ARG A 468 -24.84 -19.63 8.58
N GLY A 469 -24.43 -18.53 9.19
CA GLY A 469 -23.02 -18.17 9.22
C GLY A 469 -22.82 -16.82 9.87
N ASN A 470 -21.67 -16.66 10.53
CA ASN A 470 -21.37 -15.38 11.16
C ASN A 470 -20.73 -14.53 10.07
N VAL A 471 -21.40 -13.45 9.71
CA VAL A 471 -20.92 -12.55 8.67
C VAL A 471 -20.56 -11.19 9.25
N VAL A 472 -19.49 -10.60 8.74
CA VAL A 472 -19.06 -9.29 9.19
C VAL A 472 -19.90 -8.26 8.41
N LEU A 473 -20.51 -7.31 9.11
CA LEU A 473 -21.35 -6.30 8.45
C LEU A 473 -21.05 -4.90 8.93
N PRO A 474 -21.46 -3.89 8.15
CA PRO A 474 -21.22 -2.49 8.53
C PRO A 474 -22.27 -2.06 9.55
N ALA A 475 -21.83 -1.80 10.78
CA ALA A 475 -22.74 -1.39 11.83
C ALA A 475 -23.49 -0.10 11.49
N GLU A 476 -24.75 -0.04 11.90
CA GLU A 476 -25.59 1.14 11.69
C GLU A 476 -25.81 1.61 10.26
N ARG A 477 -25.79 0.69 9.32
CA ARG A 477 -26.03 1.02 7.92
C ARG A 477 -27.18 0.16 7.44
N ASN A 478 -27.98 0.68 6.52
CA ASN A 478 -29.09 -0.08 5.98
C ASN A 478 -28.57 -1.02 4.91
N ILE A 479 -29.09 -2.24 4.89
CA ILE A 479 -28.66 -3.20 3.89
C ILE A 479 -29.81 -4.04 3.41
N GLU A 480 -29.67 -4.54 2.19
CA GLU A 480 -30.64 -5.42 1.58
C GLU A 480 -29.80 -6.58 1.10
N PHE A 481 -30.37 -7.77 1.16
CA PHE A 481 -29.68 -8.97 0.73
C PHE A 481 -30.67 -10.07 0.44
N LYS A 482 -30.18 -11.13 -0.19
CA LYS A 482 -30.98 -12.30 -0.49
C LYS A 482 -30.05 -13.49 -0.49
N ALA A 483 -30.57 -14.63 -0.07
CA ALA A 483 -29.77 -15.84 -0.10
C ALA A 483 -30.05 -16.44 -1.46
N PHE A 484 -29.15 -17.29 -1.95
CA PHE A 484 -29.36 -17.96 -3.22
C PHE A 484 -28.63 -19.28 -3.19
N ILE A 485 -29.07 -20.22 -4.02
CA ILE A 485 -28.45 -21.54 -4.05
C ILE A 485 -27.51 -21.67 -5.24
N LYS A 486 -26.34 -22.22 -4.98
CA LYS A 486 -25.34 -22.44 -6.02
C LYS A 486 -25.24 -23.94 -6.21
N SER A 487 -25.39 -24.40 -7.45
CA SER A 487 -25.31 -25.81 -7.77
C SER A 487 -23.86 -26.27 -7.61
N LYS A 488 -23.66 -27.58 -7.55
CA LYS A 488 -22.32 -28.12 -7.39
C LYS A 488 -21.40 -27.69 -8.54
N ASP A 489 -21.98 -27.34 -9.67
CA ASP A 489 -21.18 -26.91 -10.82
C ASP A 489 -20.91 -25.41 -10.83
N GLY A 490 -21.45 -24.69 -9.85
CA GLY A 490 -21.21 -23.26 -9.77
C GLY A 490 -22.25 -22.30 -10.34
N THR A 491 -23.36 -22.81 -10.86
CA THR A 491 -24.39 -21.92 -11.41
C THR A 491 -25.47 -21.61 -10.38
N VAL A 492 -26.02 -20.40 -10.47
CA VAL A 492 -27.06 -19.96 -9.56
C VAL A 492 -28.36 -20.68 -9.90
N LYS A 493 -28.82 -21.56 -9.00
CA LYS A 493 -30.05 -22.29 -9.24
C LYS A 493 -31.31 -21.48 -8.94
N SER A 494 -31.40 -20.92 -7.74
CA SER A 494 -32.57 -20.14 -7.36
C SER A 494 -32.25 -19.08 -6.31
N TRP A 495 -33.17 -18.14 -6.14
CA TRP A 495 -33.01 -17.06 -5.18
C TRP A 495 -34.05 -17.10 -4.07
N GLN A 496 -33.75 -16.43 -2.97
CA GLN A 496 -34.68 -16.35 -1.85
C GLN A 496 -35.92 -15.63 -2.39
N THR A 497 -37.10 -16.03 -1.92
CA THR A 497 -38.35 -15.43 -2.39
C THR A 497 -38.41 -13.91 -2.20
N ILE A 498 -38.32 -13.47 -0.96
CA ILE A 498 -38.39 -12.06 -0.67
C ILE A 498 -37.04 -11.46 -0.32
N GLN A 499 -36.79 -10.26 -0.79
CA GLN A 499 -35.52 -9.59 -0.50
C GLN A 499 -35.53 -9.19 0.97
N GLN A 500 -34.47 -9.57 1.68
CA GLN A 500 -34.37 -9.26 3.09
C GLN A 500 -33.69 -7.92 3.31
N SER A 501 -33.79 -7.40 4.52
CA SER A 501 -33.15 -6.13 4.84
C SER A 501 -32.92 -6.03 6.34
N TRP A 502 -32.07 -5.08 6.71
CA TRP A 502 -31.76 -4.83 8.11
C TRP A 502 -31.52 -3.32 8.13
N ASN A 503 -32.50 -2.58 8.65
CA ASN A 503 -32.43 -1.13 8.70
C ASN A 503 -32.38 -0.50 10.09
N PRO A 504 -31.18 -0.34 10.66
CA PRO A 504 -29.92 -0.73 10.05
C PRO A 504 -29.36 -1.95 10.77
N VAL A 505 -28.13 -2.32 10.44
CA VAL A 505 -27.49 -3.44 11.10
C VAL A 505 -27.20 -2.90 12.50
N PRO A 506 -27.63 -3.61 13.55
CA PRO A 506 -27.38 -3.13 14.91
C PRO A 506 -25.89 -3.20 15.24
N LEU A 507 -25.43 -2.41 16.21
CA LEU A 507 -24.02 -2.46 16.54
C LEU A 507 -23.68 -3.57 17.53
N LYS A 508 -24.71 -4.25 18.02
CA LYS A 508 -24.48 -5.36 18.95
C LYS A 508 -24.73 -6.65 18.18
N THR A 509 -23.91 -7.67 18.42
CA THR A 509 -24.08 -8.93 17.71
C THR A 509 -25.36 -9.64 18.09
N THR A 510 -26.21 -9.84 17.10
CA THR A 510 -27.47 -10.54 17.29
C THR A 510 -27.61 -11.46 16.08
N SER A 511 -28.82 -11.67 15.59
CA SER A 511 -28.99 -12.53 14.42
C SER A 511 -30.19 -12.12 13.61
N HIS A 512 -30.11 -12.35 12.31
CA HIS A 512 -31.20 -12.02 11.42
C HIS A 512 -31.68 -13.33 10.84
N THR A 513 -32.93 -13.67 11.14
CA THR A 513 -33.52 -14.91 10.65
C THR A 513 -34.59 -14.61 9.62
N SER A 514 -34.59 -15.35 8.52
CA SER A 514 -35.59 -15.15 7.49
C SER A 514 -35.90 -16.48 6.84
N SER A 515 -36.99 -16.53 6.07
CA SER A 515 -37.34 -17.76 5.39
C SER A 515 -37.10 -17.62 3.91
N TRP A 516 -36.75 -18.74 3.28
CA TRP A 516 -36.52 -18.77 1.86
C TRP A 516 -37.85 -18.43 1.20
#